data_4L8H
#
_entry.id   4L8H
#
_cell.length_a   75.840
_cell.length_b   75.840
_cell.length_c   303.490
_cell.angle_alpha   90.00
_cell.angle_beta   90.00
_cell.angle_gamma   120.00
#
_symmetry.space_group_name_H-M   'P 65 2 2'
#
loop_
_entity.id
_entity.type
_entity.pdbx_description
1 polymer 'Coat protein'
2 polymer 'RNA operator hairpin'
3 non-polymer 'ZINC ION'
4 water water
#
loop_
_entity_poly.entity_id
_entity_poly.type
_entity_poly.pdbx_seq_one_letter_code
_entity_poly.pdbx_strand_id
1 'polypeptide(L)'
;AKLETVTLGNIGKDGKQTLVLNPRGVNPTNGVASLSQAGAVRALEKRVTVSVSQPSRNRKNYKVQVKIQNPTAGTANGSG
DPSVTRQAYADVTFSFTQYSTDEERAFVRTELAALLASPLLIDAIDQLRPAY
;
A,B
2 'polyribonucleotide' AUGCAUGUCUAAGACAGCAU R
#
loop_
_chem_comp.id
_chem_comp.type
_chem_comp.name
_chem_comp.formula
A RNA linking ADENOSINE-5'-MONOPHOSPHATE 'C10 H14 N5 O7 P'
C RNA linking CYTIDINE-5'-MONOPHOSPHATE 'C9 H14 N3 O8 P'
G RNA linking GUANOSINE-5'-MONOPHOSPHATE 'C10 H14 N5 O8 P'
U RNA linking URIDINE-5'-MONOPHOSPHATE 'C9 H13 N2 O9 P'
ZN non-polymer 'ZINC ION' 'Zn 2'
#
# COMPACT_ATOMS: atom_id res chain seq x y z
N ALA A 1 1.24 -3.56 20.44
CA ALA A 1 0.23 -3.00 21.38
C ALA A 1 -1.15 -3.63 21.18
N LYS A 2 -1.91 -3.67 22.26
CA LYS A 2 -3.35 -4.04 22.29
C LYS A 2 -4.12 -3.49 21.04
N LEU A 3 -4.73 -4.38 20.26
CA LEU A 3 -5.64 -4.01 19.14
C LEU A 3 -6.69 -3.00 19.58
N GLU A 4 -6.74 -1.88 18.88
CA GLU A 4 -7.43 -0.68 19.35
C GLU A 4 -8.19 -0.01 18.18
N THR A 5 -9.26 0.74 18.49
CA THR A 5 -10.03 1.47 17.47
C THR A 5 -9.13 2.36 16.60
N VAL A 6 -9.30 2.25 15.28
CA VAL A 6 -8.57 3.12 14.35
C VAL A 6 -9.52 4.07 13.68
N THR A 7 -9.19 5.36 13.76
CA THR A 7 -9.97 6.43 13.18
C THR A 7 -9.16 7.14 12.08
N LEU A 8 -9.59 6.90 10.85
CA LEU A 8 -8.95 7.50 9.66
C LEU A 8 -9.77 8.66 9.15
N GLY A 9 -9.20 9.84 9.19
CA GLY A 9 -9.93 11.05 8.80
C GLY A 9 -9.44 11.71 7.52
N ASN A 10 -10.28 12.57 6.95
CA ASN A 10 -9.95 13.30 5.71
C ASN A 10 -9.70 12.35 4.53
N ILE A 11 -10.51 11.31 4.40
CA ILE A 11 -10.36 10.39 3.32
C ILE A 11 -11.51 10.52 2.33
N GLY A 12 -11.49 9.66 1.31
CA GLY A 12 -12.36 9.78 0.16
C GLY A 12 -11.79 10.75 -0.86
N LYS A 13 -12.31 10.69 -2.09
CA LYS A 13 -11.89 11.59 -3.18
C LYS A 13 -11.86 13.08 -2.77
N ASP A 14 -12.96 13.45 -2.15
CA ASP A 14 -13.25 14.75 -1.51
C ASP A 14 -12.30 15.17 -0.37
N GLY A 15 -11.67 14.19 0.30
CA GLY A 15 -10.87 14.44 1.50
C GLY A 15 -11.71 14.76 2.75
N LYS A 16 -12.93 14.29 2.80
CA LYS A 16 -13.90 14.83 3.73
C LYS A 16 -14.65 13.72 4.44
N GLN A 17 -14.22 12.49 4.24
CA GLN A 17 -14.82 11.39 4.91
C GLN A 17 -13.89 10.89 6.01
N THR A 18 -14.47 10.12 6.92
CA THR A 18 -13.73 9.59 8.05
C THR A 18 -14.22 8.17 8.17
N LEU A 19 -13.30 7.26 8.46
CA LEU A 19 -13.70 5.89 8.72
C LEU A 19 -13.18 5.54 10.12
N VAL A 20 -14.04 4.88 10.90
CA VAL A 20 -13.78 4.48 12.28
C VAL A 20 -13.79 2.97 12.21
N LEU A 21 -12.63 2.33 12.40
CA LEU A 21 -12.54 0.87 12.37
C LEU A 21 -12.37 0.35 13.79
N ASN A 22 -13.27 -0.54 14.18
CA ASN A 22 -13.32 -1.11 15.52
C ASN A 22 -12.67 -2.48 15.52
N PRO A 23 -12.00 -2.82 16.63
CA PRO A 23 -11.37 -4.10 16.93
C PRO A 23 -12.28 -5.30 16.78
N ARG A 24 -11.86 -6.30 16.01
CA ARG A 24 -12.60 -7.55 15.88
C ARG A 24 -11.73 -8.77 16.22
N GLY A 25 -10.78 -8.52 17.11
CA GLY A 25 -9.97 -9.58 17.68
C GLY A 25 -8.80 -10.04 16.84
N VAL A 26 -7.81 -10.59 17.53
CA VAL A 26 -6.68 -11.20 16.90
C VAL A 26 -7.01 -12.67 16.85
N ASN A 27 -6.67 -13.30 15.73
CA ASN A 27 -6.88 -14.71 15.54
C ASN A 27 -5.81 -15.50 16.32
N PRO A 28 -6.22 -16.33 17.29
CA PRO A 28 -5.29 -17.16 18.07
C PRO A 28 -4.45 -18.12 17.20
N THR A 29 -5.08 -18.68 16.17
CA THR A 29 -4.40 -19.57 15.23
C THR A 29 -3.21 -18.91 14.51
N ASN A 30 -3.47 -17.81 13.79
CA ASN A 30 -2.47 -17.22 12.86
C ASN A 30 -1.97 -15.79 13.12
N GLY A 31 -2.40 -15.18 14.22
CA GLY A 31 -1.94 -13.84 14.60
C GLY A 31 -2.58 -12.68 13.85
N VAL A 32 -3.58 -12.96 13.01
CA VAL A 32 -4.19 -11.95 12.14
C VAL A 32 -5.17 -11.04 12.89
N ALA A 33 -4.90 -9.75 12.85
CA ALA A 33 -5.72 -8.79 13.54
C ALA A 33 -6.81 -8.31 12.59
N SER A 34 -8.06 -8.36 13.03
CA SER A 34 -9.21 -7.90 12.26
C SER A 34 -9.82 -6.64 12.83
N LEU A 35 -10.15 -5.72 11.94
CA LEU A 35 -10.91 -4.55 12.31
C LEU A 35 -12.02 -4.37 11.30
N SER A 36 -13.06 -3.63 11.69
CA SER A 36 -14.16 -3.34 10.77
C SER A 36 -15.01 -2.19 11.24
N GLN A 37 -15.72 -1.61 10.28
CA GLN A 37 -16.68 -0.52 10.50
C GLN A 37 -17.86 -1.01 11.37
N ALA A 38 -18.57 -0.08 11.99
CA ALA A 38 -19.83 -0.46 12.65
C ALA A 38 -20.93 -0.67 11.59
N GLY A 39 -21.85 -1.58 11.87
CA GLY A 39 -22.99 -1.80 10.97
C GLY A 39 -23.94 -2.95 11.29
N ALA A 40 -25.09 -2.91 10.64
CA ALA A 40 -26.17 -3.88 10.86
C ALA A 40 -25.91 -5.25 10.24
N VAL A 41 -25.03 -5.33 9.22
CA VAL A 41 -24.67 -6.62 8.60
C VAL A 41 -23.15 -6.78 8.49
N ARG A 42 -22.64 -7.89 9.01
CA ARG A 42 -21.20 -8.21 8.96
C ARG A 42 -20.60 -8.23 7.54
N ALA A 43 -21.45 -8.33 6.51
CA ALA A 43 -20.95 -8.47 5.14
C ALA A 43 -20.98 -7.16 4.34
N LEU A 44 -21.69 -6.16 4.85
CA LEU A 44 -21.68 -4.85 4.24
C LEU A 44 -20.83 -3.85 5.02
N GLU A 45 -19.91 -4.36 5.81
CA GLU A 45 -19.02 -3.46 6.55
C GLU A 45 -17.61 -3.46 5.91
N LYS A 46 -17.03 -2.27 5.82
CA LYS A 46 -15.67 -2.12 5.34
C LYS A 46 -14.68 -2.81 6.31
N ARG A 47 -13.82 -3.69 5.80
CA ARG A 47 -12.86 -4.44 6.64
C ARG A 47 -11.37 -4.12 6.39
N VAL A 48 -10.58 -4.24 7.46
CA VAL A 48 -9.12 -4.23 7.38
C VAL A 48 -8.55 -5.43 8.16
N THR A 49 -7.48 -6.03 7.64
CA THR A 49 -6.73 -7.00 8.40
C THR A 49 -5.23 -6.70 8.35
N VAL A 50 -4.53 -6.94 9.46
CA VAL A 50 -3.10 -6.71 9.56
C VAL A 50 -2.43 -7.96 10.10
N SER A 51 -1.23 -8.26 9.64
CA SER A 51 -0.43 -9.33 10.23
C SER A 51 1.07 -9.08 10.07
N VAL A 52 1.85 -9.50 11.07
CA VAL A 52 3.31 -9.40 11.06
C VAL A 52 3.84 -10.83 11.16
N SER A 53 4.65 -11.25 10.19
CA SER A 53 5.32 -12.55 10.27
C SER A 53 6.76 -12.38 10.66
N GLN A 54 7.18 -13.13 11.68
CA GLN A 54 8.58 -13.24 12.10
C GLN A 54 9.34 -14.24 11.22
N PRO A 55 10.67 -14.04 11.07
CA PRO A 55 11.47 -15.10 10.44
C PRO A 55 11.42 -16.39 11.27
N SER A 56 11.49 -17.52 10.58
CA SER A 56 11.52 -18.83 11.20
C SER A 56 12.69 -19.59 10.53
N ARG A 57 12.72 -20.93 10.64
CA ARG A 57 13.76 -21.65 9.88
C ARG A 57 13.38 -21.59 8.41
N ASN A 58 12.09 -21.78 8.15
CA ASN A 58 11.51 -21.83 6.80
C ASN A 58 11.63 -20.56 5.97
N ARG A 59 11.40 -19.41 6.60
CA ARG A 59 11.55 -18.10 5.93
C ARG A 59 12.47 -17.15 6.66
N LYS A 60 13.41 -16.58 5.89
CA LYS A 60 14.47 -15.73 6.48
C LYS A 60 14.08 -14.26 6.67
N ASN A 61 12.91 -13.85 6.15
CA ASN A 61 12.49 -12.43 6.21
C ASN A 61 11.26 -12.13 7.06
N TYR A 62 11.14 -10.87 7.49
CA TYR A 62 9.90 -10.35 8.04
C TYR A 62 8.91 -9.93 6.94
N LYS A 63 7.62 -10.01 7.28
CA LYS A 63 6.56 -9.76 6.33
C LYS A 63 5.34 -9.13 7.03
N VAL A 64 4.87 -8.00 6.49
CA VAL A 64 3.68 -7.30 7.02
C VAL A 64 2.62 -7.34 5.91
N GLN A 65 1.45 -7.83 6.27
CA GLN A 65 0.40 -8.02 5.28
C GLN A 65 -0.85 -7.28 5.70
N VAL A 66 -1.29 -6.38 4.84
CA VAL A 66 -2.49 -5.61 5.07
C VAL A 66 -3.50 -5.96 3.98
N LYS A 67 -4.75 -6.18 4.39
CA LYS A 67 -5.83 -6.35 3.42
C LYS A 67 -6.94 -5.38 3.76
N ILE A 68 -7.48 -4.77 2.71
CA ILE A 68 -8.67 -3.95 2.78
C ILE A 68 -9.77 -4.66 1.98
N GLN A 69 -10.97 -4.69 2.54
CA GLN A 69 -12.09 -5.16 1.75
C GLN A 69 -13.31 -4.28 1.96
N ASN A 70 -13.72 -3.62 0.89
CA ASN A 70 -14.85 -2.67 0.95
C ASN A 70 -15.99 -3.13 0.04
N PRO A 71 -17.05 -3.69 0.65
CA PRO A 71 -18.20 -4.14 -0.11
C PRO A 71 -19.12 -2.96 -0.34
N THR A 72 -19.88 -2.99 -1.42
CA THR A 72 -20.94 -2.01 -1.59
C THR A 72 -22.29 -2.70 -1.79
N ALA A 73 -23.33 -2.14 -1.15
CA ALA A 73 -24.73 -2.60 -1.37
C ALA A 73 -25.26 -2.08 -2.71
N THR A 85 -24.05 -6.14 -5.37
CA THR A 85 -23.02 -6.37 -4.34
C THR A 85 -21.68 -6.67 -5.02
N ARG A 86 -20.72 -5.76 -4.84
CA ARG A 86 -19.38 -5.93 -5.39
C ARG A 86 -18.37 -5.57 -4.30
N GLN A 87 -17.18 -6.15 -4.44
CA GLN A 87 -16.13 -5.94 -3.46
C GLN A 87 -15.00 -5.20 -4.12
N ALA A 88 -14.51 -4.21 -3.40
CA ALA A 88 -13.25 -3.57 -3.74
C ALA A 88 -12.16 -4.06 -2.77
N TYR A 89 -10.98 -4.38 -3.30
CA TYR A 89 -9.83 -4.85 -2.51
C TYR A 89 -8.57 -4.03 -2.64
N ALA A 90 -7.83 -3.89 -1.54
CA ALA A 90 -6.39 -3.61 -1.56
C ALA A 90 -5.58 -4.65 -0.73
N ASP A 91 -4.55 -5.21 -1.39
CA ASP A 91 -3.62 -6.14 -0.75
C ASP A 91 -2.20 -5.54 -0.72
N VAL A 92 -1.62 -5.51 0.47
CA VAL A 92 -0.31 -4.92 0.69
C VAL A 92 0.64 -5.89 1.43
N THR A 93 1.77 -6.20 0.80
CA THR A 93 2.83 -6.95 1.43
C THR A 93 4.10 -6.09 1.53
N PHE A 94 4.68 -6.06 2.72
CA PHE A 94 6.00 -5.48 2.98
C PHE A 94 6.97 -6.62 3.29
N SER A 95 8.14 -6.59 2.69
CA SER A 95 9.09 -7.65 2.92
C SER A 95 10.47 -7.08 3.29
N PHE A 96 10.91 -7.41 4.48
CA PHE A 96 12.13 -6.84 5.05
C PHE A 96 13.03 -7.96 5.59
N THR A 97 14.32 -7.73 5.44
CA THR A 97 15.38 -8.55 6.00
C THR A 97 15.52 -8.32 7.53
N GLN A 98 16.20 -9.25 8.22
CA GLN A 98 16.48 -9.11 9.68
C GLN A 98 17.49 -8.01 9.98
N TYR A 99 18.20 -7.52 8.96
CA TYR A 99 19.19 -6.44 9.14
C TYR A 99 18.65 -5.10 8.70
N SER A 100 17.37 -5.05 8.32
CA SER A 100 16.75 -3.80 7.94
C SER A 100 16.66 -2.97 9.21
N THR A 101 16.79 -1.67 9.06
CA THR A 101 16.62 -0.75 10.15
C THR A 101 15.22 -0.17 10.11
N ASP A 102 14.80 0.39 11.24
CA ASP A 102 13.51 1.03 11.31
C ASP A 102 13.43 2.26 10.39
N GLU A 103 14.56 2.97 10.19
CA GLU A 103 14.60 4.11 9.24
C GLU A 103 14.22 3.64 7.82
N GLU A 104 14.70 2.46 7.43
CA GLU A 104 14.41 1.92 6.11
C GLU A 104 12.95 1.51 5.98
N ARG A 105 12.40 0.88 7.03
CA ARG A 105 11.03 0.41 6.96
C ARG A 105 10.07 1.59 6.98
N ALA A 106 10.33 2.59 7.82
CA ALA A 106 9.51 3.79 7.89
C ALA A 106 9.55 4.56 6.56
N PHE A 107 10.69 4.46 5.88
CA PHE A 107 10.85 5.13 4.59
C PHE A 107 9.88 4.48 3.56
N VAL A 108 9.89 3.15 3.47
CA VAL A 108 8.95 2.45 2.60
C VAL A 108 7.48 2.74 2.93
N ARG A 109 7.14 2.72 4.22
CA ARG A 109 5.81 3.02 4.69
C ARG A 109 5.35 4.42 4.24
N THR A 110 6.12 5.45 4.55
CA THR A 110 5.68 6.80 4.31
C THR A 110 5.83 7.13 2.80
N GLU A 111 6.80 6.47 2.13
CA GLU A 111 6.92 6.59 0.67
C GLU A 111 5.65 6.05 0.03
N LEU A 112 5.24 4.84 0.42
CA LEU A 112 3.98 4.37 -0.11
C LEU A 112 2.83 5.36 0.17
N ALA A 113 2.65 5.84 1.39
CA ALA A 113 1.48 6.71 1.65
C ALA A 113 1.52 7.93 0.72
N ALA A 114 2.69 8.52 0.53
CA ALA A 114 2.83 9.69 -0.31
C ALA A 114 2.55 9.33 -1.81
N LEU A 115 3.07 8.18 -2.23
CA LEU A 115 2.89 7.71 -3.58
C LEU A 115 1.41 7.69 -3.90
N LEU A 116 0.60 7.33 -2.91
CA LEU A 116 -0.82 7.10 -3.15
C LEU A 116 -1.60 8.44 -3.28
N ALA A 117 -0.95 9.53 -2.92
CA ALA A 117 -1.46 10.86 -3.18
C ALA A 117 -0.91 11.53 -4.48
N SER A 118 -0.09 10.82 -5.29
CA SER A 118 0.56 11.49 -6.46
C SER A 118 -0.36 11.48 -7.68
N PRO A 119 -0.22 12.44 -8.62
CA PRO A 119 -1.05 12.35 -9.87
C PRO A 119 -1.03 10.98 -10.57
N LEU A 120 0.13 10.29 -10.54
CA LEU A 120 0.31 9.01 -11.17
C LEU A 120 -0.60 7.95 -10.59
N LEU A 121 -0.71 7.89 -9.27
CA LEU A 121 -1.51 6.86 -8.64
C LEU A 121 -3.01 7.25 -8.64
N ILE A 122 -3.31 8.55 -8.56
CA ILE A 122 -4.67 9.03 -8.72
C ILE A 122 -5.21 8.58 -10.11
N ASP A 123 -4.42 8.84 -11.16
CA ASP A 123 -4.75 8.40 -12.50
C ASP A 123 -4.92 6.90 -12.56
N ALA A 124 -4.00 6.15 -11.96
CA ALA A 124 -3.99 4.67 -12.11
C ALA A 124 -5.11 4.01 -11.37
N ILE A 125 -5.43 4.57 -10.20
CA ILE A 125 -6.40 3.94 -9.33
C ILE A 125 -7.79 4.57 -9.54
N ASP A 126 -7.91 5.89 -9.38
CA ASP A 126 -9.22 6.53 -9.50
C ASP A 126 -9.78 6.39 -10.92
N GLN A 127 -8.94 6.67 -11.92
CA GLN A 127 -9.39 6.71 -13.30
C GLN A 127 -9.01 5.45 -14.07
N LEU A 128 -8.29 4.53 -13.42
CA LEU A 128 -7.93 3.28 -14.07
C LEU A 128 -7.22 3.57 -15.41
N ARG A 129 -6.43 4.63 -15.38
CA ARG A 129 -5.69 5.15 -16.49
C ARG A 129 -4.16 4.93 -16.33
N PRO A 130 -3.56 3.96 -17.04
CA PRO A 130 -2.06 3.80 -16.93
C PRO A 130 -1.31 4.97 -17.55
N ALA A 131 -0.05 5.18 -17.18
CA ALA A 131 0.79 6.14 -17.89
C ALA A 131 1.23 5.59 -19.27
N TYR A 132 1.78 6.46 -20.09
CA TYR A 132 2.37 5.99 -21.35
C TYR A 132 3.69 6.71 -21.75
N ALA B 1 -2.13 9.24 -18.75
CA ALA B 1 -1.27 10.38 -19.19
C ALA B 1 0.20 9.98 -19.46
N LYS B 2 1.02 10.97 -19.83
CA LYS B 2 2.43 10.80 -20.10
C LYS B 2 3.25 10.67 -18.78
N LEU B 3 4.05 9.61 -18.70
CA LEU B 3 4.94 9.35 -17.55
C LEU B 3 5.88 10.51 -17.25
N GLU B 4 5.70 11.13 -16.09
CA GLU B 4 6.50 12.28 -15.66
C GLU B 4 7.14 12.07 -14.27
N THR B 5 8.13 12.89 -13.95
CA THR B 5 8.72 12.94 -12.65
C THR B 5 7.67 13.03 -11.51
N VAL B 6 7.82 12.13 -10.51
CA VAL B 6 7.08 12.13 -9.25
C VAL B 6 7.96 12.61 -8.07
N THR B 7 7.56 13.67 -7.40
CA THR B 7 8.28 14.20 -6.24
C THR B 7 7.45 13.90 -4.97
N LEU B 8 8.03 13.13 -4.06
CA LEU B 8 7.32 12.71 -2.84
C LEU B 8 7.94 13.47 -1.69
N GLY B 9 7.15 14.35 -1.07
CA GLY B 9 7.71 15.23 -0.02
C GLY B 9 7.39 14.82 1.40
N ASN B 10 8.16 15.38 2.34
CA ASN B 10 7.92 15.16 3.78
C ASN B 10 7.66 13.68 4.09
N ILE B 11 8.64 12.85 3.77
CA ILE B 11 8.57 11.44 4.09
C ILE B 11 9.76 11.06 4.94
N GLY B 12 9.90 9.77 5.21
CA GLY B 12 10.84 9.35 6.24
C GLY B 12 10.12 9.36 7.59
N LYS B 13 10.62 8.51 8.48
CA LYS B 13 10.25 8.48 9.91
C LYS B 13 10.06 9.90 10.46
N ASP B 14 10.95 10.79 10.06
CA ASP B 14 10.94 12.18 10.46
C ASP B 14 9.89 13.05 9.74
N GLY B 15 9.52 12.64 8.51
CA GLY B 15 8.76 13.47 7.56
C GLY B 15 9.56 14.66 7.06
N LYS B 16 10.88 14.52 7.03
CA LYS B 16 11.75 15.60 6.55
C LYS B 16 12.44 15.25 5.20
N GLN B 17 12.13 14.08 4.67
CA GLN B 17 12.77 13.68 3.43
C GLN B 17 11.92 13.86 2.18
N THR B 18 12.60 14.11 1.07
CA THR B 18 11.94 14.18 -0.22
C THR B 18 12.53 13.04 -1.10
N LEU B 19 11.68 12.47 -1.96
CA LEU B 19 12.14 11.45 -2.89
C LEU B 19 11.76 11.86 -4.32
N VAL B 20 12.75 12.07 -5.19
CA VAL B 20 12.44 12.47 -6.58
C VAL B 20 12.56 11.22 -7.43
N LEU B 21 11.44 10.83 -8.05
CA LEU B 21 11.45 9.66 -8.90
C LEU B 21 11.35 10.12 -10.34
N ASN B 22 12.37 9.75 -11.12
CA ASN B 22 12.43 10.08 -12.55
C ASN B 22 11.90 8.98 -13.42
N PRO B 23 11.24 9.35 -14.52
CA PRO B 23 10.61 8.35 -15.40
C PRO B 23 11.62 7.49 -16.12
N ARG B 24 11.36 6.20 -16.20
CA ARG B 24 12.25 5.26 -16.91
C ARG B 24 11.43 4.48 -17.95
N GLY B 25 10.40 5.13 -18.49
CA GLY B 25 9.63 4.54 -19.57
C GLY B 25 8.52 3.58 -19.25
N VAL B 26 7.66 3.38 -20.26
CA VAL B 26 6.57 2.46 -20.17
C VAL B 26 6.93 1.37 -21.13
N ASN B 27 6.97 0.15 -20.63
CA ASN B 27 7.21 -1.02 -21.43
C ASN B 27 6.00 -1.33 -22.34
N PRO B 28 6.21 -1.28 -23.68
CA PRO B 28 5.09 -1.50 -24.64
C PRO B 28 4.51 -2.92 -24.62
N THR B 29 5.29 -3.89 -24.16
CA THR B 29 4.84 -5.29 -24.06
C THR B 29 3.79 -5.54 -22.97
N ASN B 30 3.95 -4.91 -21.79
CA ASN B 30 3.14 -5.22 -20.61
C ASN B 30 2.53 -4.03 -19.90
N GLY B 31 2.82 -2.83 -20.39
CA GLY B 31 2.24 -1.58 -19.85
C GLY B 31 2.74 -1.09 -18.49
N VAL B 32 3.81 -1.72 -18.00
CA VAL B 32 4.39 -1.43 -16.68
C VAL B 32 5.18 -0.12 -16.79
N ALA B 33 4.85 0.89 -15.97
CA ALA B 33 5.63 2.13 -15.91
C ALA B 33 6.71 1.99 -14.86
N SER B 34 7.87 2.60 -15.07
CA SER B 34 9.01 2.44 -14.17
C SER B 34 9.58 3.77 -13.84
N LEU B 35 9.85 3.97 -12.56
CA LEU B 35 10.49 5.21 -12.12
C LEU B 35 11.62 4.83 -11.16
N SER B 36 12.60 5.72 -11.00
CA SER B 36 13.64 5.42 -10.05
C SER B 36 14.29 6.69 -9.60
N GLN B 37 14.83 6.59 -8.40
CA GLN B 37 15.40 7.74 -7.78
C GLN B 37 16.51 8.38 -8.57
N ALA B 38 16.30 9.67 -8.79
CA ALA B 38 17.27 10.57 -9.33
C ALA B 38 18.58 10.47 -8.55
N GLY B 39 19.69 10.72 -9.22
CA GLY B 39 20.94 10.98 -8.47
C GLY B 39 21.75 9.87 -7.81
N ALA B 40 21.43 8.60 -8.05
CA ALA B 40 22.18 7.51 -7.37
C ALA B 40 22.83 6.46 -8.33
N VAL B 41 23.57 5.52 -7.73
CA VAL B 41 24.18 4.41 -8.42
C VAL B 41 23.14 3.42 -8.94
N ARG B 42 23.10 3.24 -10.26
CA ARG B 42 21.98 2.58 -10.89
C ARG B 42 21.35 1.43 -10.06
N ALA B 43 22.18 0.53 -9.55
CA ALA B 43 21.71 -0.71 -8.90
C ALA B 43 21.22 -0.48 -7.46
N LEU B 44 21.51 0.71 -6.95
CA LEU B 44 21.06 1.13 -5.64
C LEU B 44 19.90 2.11 -5.66
N GLU B 45 19.38 2.42 -6.84
CA GLU B 45 18.28 3.38 -6.95
C GLU B 45 17.04 2.79 -6.33
N LYS B 46 16.40 3.57 -5.51
CA LYS B 46 15.04 3.28 -5.08
C LYS B 46 14.17 3.36 -6.32
N ARG B 47 13.35 2.34 -6.47
CA ARG B 47 12.60 2.04 -7.68
C ARG B 47 11.11 2.00 -7.37
N VAL B 48 10.30 2.35 -8.35
CA VAL B 48 8.85 2.16 -8.28
C VAL B 48 8.35 1.61 -9.64
N THR B 49 7.47 0.63 -9.63
CA THR B 49 6.69 0.29 -10.81
C THR B 49 5.18 0.32 -10.54
N VAL B 50 4.41 0.60 -11.60
CA VAL B 50 2.95 0.72 -11.57
C VAL B 50 2.37 0.11 -12.87
N SER B 51 1.31 -0.68 -12.75
CA SER B 51 0.64 -1.17 -13.92
C SER B 51 -0.86 -1.25 -13.66
N VAL B 52 -1.62 -1.24 -14.75
CA VAL B 52 -3.08 -1.25 -14.67
C VAL B 52 -3.49 -2.23 -15.72
N SER B 53 -4.18 -3.28 -15.31
CA SER B 53 -4.61 -4.33 -16.20
C SER B 53 -6.11 -4.30 -16.34
N GLN B 54 -6.60 -4.37 -17.57
CA GLN B 54 -8.01 -4.36 -17.85
C GLN B 54 -8.61 -5.76 -17.75
N PRO B 55 -9.95 -5.85 -17.59
CA PRO B 55 -10.52 -7.18 -17.69
C PRO B 55 -10.35 -7.74 -19.12
N SER B 56 -10.21 -9.06 -19.19
CA SER B 56 -9.83 -9.75 -20.40
C SER B 56 -10.14 -11.25 -20.21
N ARG B 57 -9.73 -12.08 -21.17
CA ARG B 57 -9.96 -13.51 -21.02
C ARG B 57 -9.29 -14.00 -19.74
N ASN B 58 -8.19 -13.33 -19.39
CA ASN B 58 -7.25 -13.68 -18.31
C ASN B 58 -7.66 -13.22 -16.89
N ARG B 59 -8.74 -12.45 -16.79
CA ARG B 59 -8.96 -11.52 -15.68
C ARG B 59 -10.37 -10.97 -15.70
N LYS B 60 -11.08 -11.09 -14.58
CA LYS B 60 -12.47 -10.57 -14.44
C LYS B 60 -12.51 -9.07 -13.99
N ASN B 61 -11.56 -8.64 -13.15
CA ASN B 61 -11.61 -7.29 -12.55
C ASN B 61 -10.47 -6.43 -13.06
N TYR B 62 -10.57 -5.11 -12.90
CA TYR B 62 -9.36 -4.31 -13.05
C TYR B 62 -8.37 -4.64 -11.92
N LYS B 63 -7.08 -4.68 -12.26
CA LYS B 63 -6.03 -4.96 -11.29
C LYS B 63 -4.95 -3.91 -11.45
N VAL B 64 -4.67 -3.13 -10.39
CA VAL B 64 -3.61 -2.12 -10.31
C VAL B 64 -2.49 -2.67 -9.40
N GLN B 65 -1.27 -2.73 -9.93
CA GLN B 65 -0.11 -3.29 -9.22
C GLN B 65 0.88 -2.16 -8.98
N VAL B 66 1.22 -1.92 -7.72
CA VAL B 66 2.18 -0.90 -7.36
C VAL B 66 3.35 -1.57 -6.59
N LYS B 67 4.57 -1.27 -6.98
CA LYS B 67 5.71 -1.93 -6.33
C LYS B 67 6.87 -0.99 -6.06
N ILE B 68 7.43 -1.13 -4.86
CA ILE B 68 8.54 -0.29 -4.43
C ILE B 68 9.69 -1.22 -4.15
N GLN B 69 10.90 -0.84 -4.58
CA GLN B 69 12.06 -1.61 -4.17
C GLN B 69 13.20 -0.70 -3.80
N ASN B 70 13.61 -0.78 -2.55
CA ASN B 70 14.62 0.08 -2.00
C ASN B 70 15.89 -0.70 -1.56
N PRO B 71 16.97 -0.52 -2.31
CA PRO B 71 18.27 -1.13 -1.97
C PRO B 71 19.02 -0.36 -0.92
N THR B 72 19.68 -1.13 -0.05
CA THR B 72 20.78 -0.58 0.75
C THR B 72 22.12 -1.20 0.38
N ALA B 73 23.10 -0.35 0.09
CA ALA B 73 24.52 -0.78 -0.09
C ALA B 73 25.15 -1.55 1.08
N GLY B 74 25.89 -2.60 0.73
CA GLY B 74 26.63 -3.41 1.75
C GLY B 74 27.91 -2.71 2.19
N VAL B 84 26.53 -6.09 3.48
CA VAL B 84 25.63 -6.98 2.71
C VAL B 84 24.37 -6.28 2.15
N THR B 85 24.33 -6.11 0.82
CA THR B 85 23.23 -5.48 0.08
C THR B 85 21.87 -6.11 0.52
N ARG B 86 20.95 -5.28 0.97
CA ARG B 86 19.62 -5.82 1.23
C ARG B 86 18.59 -5.00 0.47
N GLN B 87 17.45 -5.61 0.21
CA GLN B 87 16.35 -4.96 -0.47
C GLN B 87 15.16 -4.88 0.48
N ALA B 88 14.49 -3.71 0.51
CA ALA B 88 13.17 -3.61 1.11
C ALA B 88 12.11 -3.47 0.02
N TYR B 89 11.05 -4.24 0.15
CA TYR B 89 9.99 -4.31 -0.83
C TYR B 89 8.64 -3.96 -0.21
N ALA B 90 7.80 -3.30 -1.02
CA ALA B 90 6.40 -3.20 -0.69
C ALA B 90 5.65 -3.45 -1.97
N ASP B 91 4.64 -4.30 -1.90
CA ASP B 91 3.86 -4.62 -3.08
C ASP B 91 2.35 -4.42 -2.84
N VAL B 92 1.73 -3.60 -3.70
CA VAL B 92 0.29 -3.35 -3.59
C VAL B 92 -0.49 -3.89 -4.82
N THR B 93 -1.54 -4.65 -4.55
CA THR B 93 -2.49 -5.06 -5.56
C THR B 93 -3.87 -4.51 -5.21
N PHE B 94 -4.50 -3.88 -6.20
CA PHE B 94 -5.87 -3.42 -6.03
C PHE B 94 -6.74 -4.25 -6.95
N SER B 95 -7.98 -4.49 -6.52
CA SER B 95 -8.93 -5.19 -7.34
C SER B 95 -10.28 -4.45 -7.32
N PHE B 96 -10.78 -4.21 -8.52
CA PHE B 96 -11.99 -3.42 -8.71
C PHE B 96 -12.76 -3.99 -9.89
N THR B 97 -14.07 -4.17 -9.70
CA THR B 97 -14.88 -4.68 -10.80
C THR B 97 -15.17 -3.57 -11.83
N GLN B 98 -15.68 -4.03 -12.98
CA GLN B 98 -16.22 -3.18 -14.05
C GLN B 98 -17.29 -2.22 -13.60
N TYR B 99 -17.98 -2.52 -12.51
CA TYR B 99 -19.03 -1.62 -12.06
C TYR B 99 -18.65 -0.76 -10.86
N SER B 100 -17.38 -0.77 -10.47
CA SER B 100 -16.98 0.07 -9.35
C SER B 100 -17.00 1.50 -9.82
N THR B 101 -17.16 2.43 -8.89
CA THR B 101 -17.08 3.85 -9.19
C THR B 101 -15.70 4.40 -8.84
N ASP B 102 -15.40 5.57 -9.35
CA ASP B 102 -14.14 6.19 -9.01
C ASP B 102 -14.16 6.67 -7.55
N GLU B 103 -15.35 6.95 -7.02
CA GLU B 103 -15.51 7.30 -5.59
C GLU B 103 -15.08 6.12 -4.70
N GLU B 104 -15.47 4.91 -5.10
CA GLU B 104 -15.08 3.67 -4.43
C GLU B 104 -13.59 3.41 -4.49
N ARG B 105 -12.98 3.67 -5.66
CA ARG B 105 -11.55 3.37 -5.86
C ARG B 105 -10.75 4.45 -5.11
N ALA B 106 -11.17 5.72 -5.22
CA ALA B 106 -10.50 6.77 -4.45
C ALA B 106 -10.62 6.56 -2.95
N PHE B 107 -11.70 5.89 -2.52
CA PHE B 107 -11.85 5.65 -1.11
C PHE B 107 -10.78 4.67 -0.63
N VAL B 108 -10.62 3.55 -1.33
CA VAL B 108 -9.60 2.56 -1.02
C VAL B 108 -8.19 3.17 -1.06
N ARG B 109 -7.88 3.90 -2.12
CA ARG B 109 -6.59 4.57 -2.24
C ARG B 109 -6.25 5.49 -1.04
N THR B 110 -7.20 6.36 -0.68
CA THR B 110 -7.00 7.34 0.38
C THR B 110 -7.15 6.69 1.77
N GLU B 111 -7.94 5.63 1.86
CA GLU B 111 -8.03 4.80 3.08
C GLU B 111 -6.64 4.20 3.44
N LEU B 112 -6.02 3.50 2.48
CA LEU B 112 -4.71 2.91 2.60
C LEU B 112 -3.62 3.94 2.97
N ALA B 113 -3.62 5.10 2.30
CA ALA B 113 -2.68 6.15 2.63
C ALA B 113 -2.84 6.50 4.08
N ALA B 114 -4.09 6.66 4.54
CA ALA B 114 -4.33 7.08 5.95
C ALA B 114 -3.97 5.94 6.92
N LEU B 115 -4.39 4.74 6.60
CA LEU B 115 -4.03 3.60 7.38
C LEU B 115 -2.49 3.52 7.64
N LEU B 116 -1.70 3.84 6.60
CA LEU B 116 -0.27 3.73 6.66
C LEU B 116 0.31 4.77 7.64
N ALA B 117 -0.50 5.74 8.06
CA ALA B 117 0.01 6.66 9.08
C ALA B 117 -0.62 6.42 10.48
N SER B 118 -1.36 5.33 10.64
CA SER B 118 -1.94 5.01 11.92
C SER B 118 -0.95 4.30 12.89
N PRO B 119 -1.12 4.52 14.22
CA PRO B 119 -0.27 3.86 15.24
C PRO B 119 -0.25 2.38 14.97
N LEU B 120 -1.36 1.85 14.48
CA LEU B 120 -1.41 0.41 14.28
C LEU B 120 -0.37 -0.03 13.22
N LEU B 121 -0.20 0.77 12.17
CA LEU B 121 0.67 0.40 11.07
C LEU B 121 2.11 0.87 11.26
N ILE B 122 2.32 1.95 12.00
CA ILE B 122 3.64 2.32 12.46
C ILE B 122 4.30 1.17 13.31
N ASP B 123 3.51 0.46 14.13
CA ASP B 123 4.09 -0.54 15.03
C ASP B 123 4.40 -1.77 14.27
N ALA B 124 3.46 -2.13 13.37
CA ALA B 124 3.59 -3.33 12.55
C ALA B 124 4.79 -3.20 11.62
N ILE B 125 4.97 -2.04 11.01
CA ILE B 125 6.02 -1.84 10.01
C ILE B 125 7.32 -1.26 10.60
N ASP B 126 7.32 -0.05 11.16
CA ASP B 126 8.57 0.51 11.68
C ASP B 126 9.17 -0.36 12.80
N GLN B 127 8.34 -0.72 13.78
CA GLN B 127 8.77 -1.54 14.90
C GLN B 127 8.57 -3.04 14.70
N LEU B 128 7.93 -3.47 13.63
CA LEU B 128 7.69 -4.92 13.50
C LEU B 128 6.94 -5.56 14.73
N ARG B 129 6.04 -4.80 15.34
CA ARG B 129 5.22 -5.30 16.45
C ARG B 129 3.74 -5.57 16.11
N PRO B 130 3.33 -6.85 16.18
CA PRO B 130 1.90 -7.17 16.02
C PRO B 130 1.03 -6.56 17.10
N ALA B 131 -0.22 -6.26 16.73
CA ALA B 131 -1.24 -5.95 17.72
C ALA B 131 -1.69 -7.27 18.37
N TYR B 132 -2.13 -7.20 19.63
CA TYR B 132 -2.70 -8.38 20.27
C TYR B 132 -4.12 -8.11 20.81
ZN ZN D . -17.33 9.74 -9.91
ZN ZN E . -0.11 -13.11 -5.45
ZN ZN F . -4.81 -14.98 1.17
ZN ZN G . 0.44 -24.23 -6.90
ZN ZN H . 4.07 -12.88 -2.28
ZN ZN I . -5.94 -9.19 -4.14
#